data_8QCC
#
_entry.id   8QCC
#
_cell.length_a   142.570
_cell.length_b   52.793
_cell.length_c   90.253
_cell.angle_alpha   90.000
_cell.angle_beta   126.690
_cell.angle_gamma   90.000
#
_symmetry.space_group_name_H-M   'C 1 2 1'
#
loop_
_entity.id
_entity.type
_entity.pdbx_description
1 polymer '4-diphosphocytidyl-2-C-methyl-D-erythritol kinase'
2 non-polymer "ADENOSINE-5'-DIPHOSPHATE"
3 non-polymer ~{N}-[3-[4-azanyl-2-oxidanylidene-1-[(2~{R})-thiolan-2-yl]pyrimidin-5-yl]prop-2-ynyl]cyclopropanesulfonamide
4 non-polymer 'MAGNESIUM ION'
5 water water
#
_entity_poly.entity_id   1
_entity_poly.type   'polypeptide(L)'
_entity_poly.pdbx_seq_one_letter_code
;MRTQWPSPAKLNLFLYITGQRADGYHTLQTLFQFLDYGDTISIELRDDGDIRLLTPVEGVEHEDNLIVRAARLLMKTAAD
SGRLPTGSGANISIDKRLPVGGGLGGGSSNAATVLVALNHLWQCGLSMDELAEMGLTLGADVPVFVRGHAAFAEGVGEIL
TPVDPPEKWYLVAHPGVSIPTPVIFKDPELPRNTPKRSIETLLKCEFSNDCEVIARKRFREVDAVLSWLLEYAPSRLTGT
GACVFAEFDTESEARQVLEQAPEWLNGFVAKGVNLSPLHRAML
;
_entity_poly.pdbx_strand_id   A,B
#
# COMPACT_ATOMS: atom_id res chain seq x y z
N MET A 1 -2.37 -16.12 16.53
CA MET A 1 -2.02 -15.80 15.15
C MET A 1 -2.90 -14.68 14.59
N ARG A 2 -2.27 -13.75 13.88
CA ARG A 2 -2.98 -12.67 13.23
C ARG A 2 -3.14 -13.00 11.74
N THR A 3 -4.33 -12.78 11.20
CA THR A 3 -4.58 -12.95 9.78
C THR A 3 -4.99 -11.60 9.18
N GLN A 4 -4.71 -11.41 7.88
CA GLN A 4 -5.00 -10.17 7.17
C GLN A 4 -5.99 -10.45 6.04
N TRP A 5 -6.92 -9.51 5.84
CA TRP A 5 -8.03 -9.77 4.94
C TRP A 5 -8.31 -8.53 4.11
N PRO A 6 -8.35 -8.66 2.79
CA PRO A 6 -8.67 -7.50 1.94
C PRO A 6 -10.10 -7.05 2.17
N SER A 7 -10.28 -5.73 2.02
CA SER A 7 -11.60 -5.11 2.07
C SER A 7 -11.62 -4.11 0.92
N PRO A 8 -12.00 -4.56 -0.28
CA PRO A 8 -11.87 -3.72 -1.49
C PRO A 8 -13.00 -2.72 -1.63
N ALA A 9 -12.74 -1.65 -2.40
CA ALA A 9 -13.79 -0.73 -2.80
C ALA A 9 -14.64 -1.37 -3.91
N LYS A 10 -15.85 -0.81 -4.12
CA LYS A 10 -16.63 -1.10 -5.31
C LYS A 10 -16.92 0.18 -6.11
N LEU A 11 -17.29 -0.01 -7.37
CA LEU A 11 -17.83 1.02 -8.25
C LEU A 11 -19.21 0.56 -8.75
N ASN A 12 -20.14 1.52 -8.85
CA ASN A 12 -21.39 1.32 -9.59
C ASN A 12 -21.05 1.73 -11.01
N LEU A 13 -20.76 0.75 -11.86
CA LEU A 13 -20.50 1.04 -13.28
C LEU A 13 -21.68 1.73 -13.96
N PHE A 14 -22.91 1.36 -13.59
CA PHE A 14 -24.11 2.10 -13.93
C PHE A 14 -25.08 1.92 -12.76
N LEU A 15 -26.13 2.72 -12.75
CA LEU A 15 -27.03 2.75 -11.60
C LEU A 15 -28.31 3.43 -12.05
N TYR A 16 -29.40 2.66 -12.09
CA TYR A 16 -30.70 3.11 -12.53
C TYR A 16 -31.70 2.86 -11.41
N ILE A 17 -32.48 3.88 -11.10
CA ILE A 17 -33.51 3.80 -10.05
C ILE A 17 -34.85 3.52 -10.73
N THR A 18 -35.42 2.34 -10.42
CA THR A 18 -36.64 1.88 -11.06
C THR A 18 -37.90 2.17 -10.26
N GLY A 19 -37.78 2.41 -8.95
CA GLY A 19 -38.96 2.73 -8.16
C GLY A 19 -38.57 2.90 -6.70
N GLN A 20 -39.58 2.93 -5.84
CA GLN A 20 -39.37 3.06 -4.41
C GLN A 20 -40.42 2.24 -3.67
N ARG A 21 -39.97 1.29 -2.84
CA ARG A 21 -40.88 0.44 -2.07
C ARG A 21 -41.47 1.21 -0.89
N ALA A 22 -42.38 0.53 -0.16
CA ALA A 22 -43.10 1.19 0.93
C ALA A 22 -42.19 1.54 2.09
N ASP A 23 -41.17 0.72 2.35
CA ASP A 23 -40.26 0.93 3.46
C ASP A 23 -39.22 2.02 3.18
N GLY A 24 -39.37 2.76 2.08
CA GLY A 24 -38.49 3.86 1.77
C GLY A 24 -37.31 3.52 0.87
N TYR A 25 -36.93 2.25 0.80
CA TYR A 25 -35.81 1.89 -0.06
C TYR A 25 -36.21 1.97 -1.53
N HIS A 26 -35.22 2.11 -2.38
CA HIS A 26 -35.43 2.24 -3.81
C HIS A 26 -35.04 0.94 -4.51
N THR A 27 -35.83 0.56 -5.50
CA THR A 27 -35.45 -0.57 -6.33
C THR A 27 -34.52 -0.08 -7.43
N LEU A 28 -33.59 -0.92 -7.84
CA LEU A 28 -32.58 -0.40 -8.74
C LEU A 28 -32.11 -1.50 -9.68
N GLN A 29 -31.40 -1.07 -10.71
CA GLN A 29 -30.64 -1.92 -11.62
C GLN A 29 -29.25 -1.30 -11.66
N THR A 30 -28.27 -2.03 -11.17
CA THR A 30 -26.93 -1.46 -11.08
C THR A 30 -25.95 -2.58 -11.37
N LEU A 31 -24.73 -2.20 -11.72
CA LEU A 31 -23.69 -3.16 -12.05
C LEU A 31 -22.52 -2.88 -11.14
N PHE A 32 -22.24 -3.79 -10.22
CA PHE A 32 -21.10 -3.66 -9.32
C PHE A 32 -19.85 -4.25 -9.94
N GLN A 33 -18.74 -3.53 -9.79
CA GLN A 33 -17.44 -4.16 -9.98
C GLN A 33 -16.54 -3.77 -8.82
N PHE A 34 -15.68 -4.70 -8.39
CA PHE A 34 -14.75 -4.32 -7.34
C PHE A 34 -13.55 -3.56 -7.92
N LEU A 35 -12.84 -2.87 -7.04
CA LEU A 35 -11.51 -2.35 -7.37
C LEU A 35 -10.48 -3.15 -6.59
N ASP A 36 -9.34 -3.40 -7.22
CA ASP A 36 -8.21 -4.04 -6.53
C ASP A 36 -7.47 -2.97 -5.72
N TYR A 37 -8.17 -2.47 -4.72
CA TYR A 37 -7.72 -1.35 -3.93
C TYR A 37 -8.68 -1.23 -2.76
N GLY A 38 -8.14 -1.03 -1.56
CA GLY A 38 -9.02 -0.83 -0.41
C GLY A 38 -8.27 -0.96 0.91
N ASP A 39 -9.05 -1.27 1.95
CA ASP A 39 -8.52 -1.42 3.29
C ASP A 39 -7.97 -2.82 3.49
N THR A 40 -7.17 -2.96 4.54
CA THR A 40 -6.67 -4.26 4.96
C THR A 40 -7.11 -4.45 6.39
N ILE A 41 -7.74 -5.58 6.68
CA ILE A 41 -8.25 -5.85 8.02
C ILE A 41 -7.48 -7.02 8.62
N SER A 42 -6.94 -6.80 9.81
CA SER A 42 -6.14 -7.77 10.55
C SER A 42 -6.93 -8.24 11.76
N ILE A 43 -6.97 -9.56 11.98
CA ILE A 43 -7.77 -10.15 13.05
C ILE A 43 -6.91 -11.10 13.87
N GLU A 44 -6.94 -10.92 15.18
CA GLU A 44 -6.34 -11.85 16.13
C GLU A 44 -7.47 -12.43 16.97
N LEU A 45 -7.53 -13.76 17.06
CA LEU A 45 -8.61 -14.35 17.82
C LEU A 45 -8.39 -14.07 19.30
N ARG A 46 -9.48 -13.85 20.02
CA ARG A 46 -9.51 -13.81 21.47
C ARG A 46 -10.17 -15.07 21.98
N ASP A 47 -9.88 -15.42 23.22
CA ASP A 47 -10.53 -16.57 23.84
C ASP A 47 -11.50 -16.15 24.94
N ASP A 48 -11.69 -14.85 25.17
CA ASP A 48 -12.56 -14.38 26.24
C ASP A 48 -13.92 -13.90 25.75
N GLY A 49 -14.28 -14.20 24.51
CA GLY A 49 -15.60 -13.83 24.02
C GLY A 49 -15.80 -12.38 23.66
N ASP A 50 -14.77 -11.52 23.72
CA ASP A 50 -14.87 -10.08 23.47
C ASP A 50 -14.58 -9.74 22.02
N ILE A 51 -15.11 -8.60 21.58
CA ILE A 51 -14.84 -8.05 20.26
C ILE A 51 -14.30 -6.63 20.46
N ARG A 52 -13.08 -6.39 19.97
CA ARG A 52 -12.38 -5.13 20.20
C ARG A 52 -11.84 -4.64 18.87
N LEU A 53 -12.38 -3.55 18.38
CA LEU A 53 -11.78 -2.84 17.25
C LEU A 53 -10.69 -1.93 17.82
N LEU A 54 -9.43 -2.28 17.57
CA LEU A 54 -8.34 -1.57 18.25
C LEU A 54 -8.01 -0.25 17.58
N THR A 55 -8.32 -0.10 16.30
CA THR A 55 -7.93 1.07 15.54
C THR A 55 -9.18 1.86 15.15
N PRO A 56 -9.43 3.01 15.77
CA PRO A 56 -10.71 3.68 15.54
C PRO A 56 -10.75 4.29 14.15
N VAL A 57 -11.96 4.36 13.60
CA VAL A 57 -12.22 5.06 12.34
C VAL A 57 -12.80 6.43 12.70
N GLU A 58 -12.12 7.48 12.23
CA GLU A 58 -12.43 8.85 12.63
C GLU A 58 -13.92 9.16 12.45
N GLY A 59 -14.51 9.80 13.45
CA GLY A 59 -15.92 10.11 13.39
C GLY A 59 -16.88 8.97 13.74
N VAL A 60 -16.41 7.73 13.83
CA VAL A 60 -17.27 6.57 14.11
C VAL A 60 -16.99 6.03 15.51
N GLU A 61 -18.03 5.96 16.35
CA GLU A 61 -17.93 5.28 17.64
C GLU A 61 -17.76 3.78 17.46
N HIS A 62 -17.05 3.15 18.41
CA HIS A 62 -16.77 1.70 18.36
C HIS A 62 -18.03 0.89 18.06
N GLU A 63 -19.07 1.09 18.87
CA GLU A 63 -20.28 0.30 18.73
C GLU A 63 -21.10 0.67 17.51
N ASP A 64 -20.79 1.79 16.85
CA ASP A 64 -21.45 2.15 15.59
C ASP A 64 -20.67 1.67 14.38
N ASN A 65 -19.44 1.24 14.58
CA ASN A 65 -18.60 0.85 13.45
C ASN A 65 -19.12 -0.45 12.85
N LEU A 66 -19.26 -0.46 11.51
CA LEU A 66 -19.78 -1.65 10.83
C LEU A 66 -18.91 -2.88 11.05
N ILE A 67 -17.61 -2.70 11.31
CA ILE A 67 -16.75 -3.81 11.69
C ILE A 67 -17.29 -4.51 12.92
N VAL A 68 -17.56 -3.73 13.98
CA VAL A 68 -18.03 -4.24 15.25
C VAL A 68 -19.46 -4.75 15.16
N ARG A 69 -20.32 -3.97 14.50
CA ARG A 69 -21.70 -4.43 14.27
C ARG A 69 -21.71 -5.78 13.54
N ALA A 70 -20.92 -5.90 12.47
CA ALA A 70 -20.86 -7.17 11.75
C ALA A 70 -20.37 -8.30 12.66
N ALA A 71 -19.31 -8.05 13.42
CA ALA A 71 -18.79 -9.09 14.31
C ALA A 71 -19.82 -9.52 15.34
N ARG A 72 -20.57 -8.56 15.91
CA ARG A 72 -21.53 -8.91 16.93
C ARG A 72 -22.75 -9.60 16.33
N LEU A 73 -23.14 -9.20 15.12
CA LEU A 73 -24.23 -9.88 14.46
C LEU A 73 -23.88 -11.33 14.18
N LEU A 74 -22.70 -11.58 13.64
CA LEU A 74 -22.28 -12.96 13.43
C LEU A 74 -22.26 -13.73 14.75
N MET A 75 -21.69 -13.13 15.81
CA MET A 75 -21.64 -13.78 17.10
C MET A 75 -23.03 -14.14 17.61
N LYS A 76 -23.97 -13.19 17.53
CA LYS A 76 -25.33 -13.48 17.99
C LYS A 76 -25.97 -14.61 17.18
N THR A 77 -25.89 -14.52 15.84
CA THR A 77 -26.52 -15.51 14.98
C THR A 77 -25.91 -16.89 15.21
N ALA A 78 -24.58 -16.99 15.20
CA ALA A 78 -23.92 -18.25 15.46
C ALA A 78 -24.27 -18.81 16.82
N ALA A 79 -24.35 -17.93 17.83
CA ALA A 79 -24.64 -18.42 19.18
C ALA A 79 -26.08 -18.89 19.30
N ASP A 80 -27.03 -18.26 18.60
CA ASP A 80 -28.44 -18.67 18.64
C ASP A 80 -28.71 -19.99 17.89
N SER A 81 -27.74 -20.49 17.14
CA SER A 81 -27.88 -21.75 16.44
C SER A 81 -26.80 -22.74 16.83
N GLY A 82 -26.13 -22.49 17.97
CA GLY A 82 -25.12 -23.39 18.49
C GLY A 82 -23.87 -23.54 17.65
N ARG A 83 -23.54 -22.53 16.83
CA ARG A 83 -22.38 -22.59 15.93
C ARG A 83 -21.25 -21.68 16.39
N LEU A 84 -21.24 -21.27 17.65
CA LEU A 84 -20.18 -20.37 18.14
C LEU A 84 -19.39 -21.10 19.21
N PRO A 85 -18.21 -21.59 18.86
CA PRO A 85 -17.37 -22.23 19.88
C PRO A 85 -17.23 -21.35 21.11
N THR A 86 -17.26 -21.97 22.28
CA THR A 86 -17.17 -21.23 23.53
C THR A 86 -15.96 -20.31 23.52
N GLY A 87 -16.18 -19.07 23.96
CA GLY A 87 -15.11 -18.09 24.07
C GLY A 87 -14.73 -17.38 22.80
N SER A 88 -15.47 -17.54 21.71
CA SER A 88 -15.03 -16.96 20.45
C SER A 88 -15.01 -15.44 20.55
N GLY A 89 -13.86 -14.84 20.24
CA GLY A 89 -13.71 -13.40 20.27
C GLY A 89 -12.70 -12.93 19.22
N ALA A 90 -12.44 -11.62 19.20
CA ALA A 90 -11.47 -11.16 18.22
C ALA A 90 -11.00 -9.75 18.52
N ASN A 91 -9.72 -9.49 18.30
CA ASN A 91 -9.17 -8.14 18.19
C ASN A 91 -9.07 -7.81 16.72
N ILE A 92 -9.62 -6.67 16.32
CA ILE A 92 -9.67 -6.30 14.91
C ILE A 92 -8.98 -4.96 14.75
N SER A 93 -8.08 -4.88 13.78
CA SER A 93 -7.50 -3.60 13.41
C SER A 93 -7.62 -3.46 11.90
N ILE A 94 -7.67 -2.20 11.45
CA ILE A 94 -7.87 -1.90 10.04
C ILE A 94 -6.83 -0.86 9.63
N ASP A 95 -6.19 -1.10 8.49
CA ASP A 95 -5.38 -0.09 7.80
C ASP A 95 -6.33 0.53 6.78
N LYS A 96 -6.84 1.72 7.08
CA LYS A 96 -7.93 2.28 6.29
C LYS A 96 -7.33 3.17 5.20
N ARG A 97 -7.47 2.75 3.93
CA ARG A 97 -7.21 3.61 2.79
C ARG A 97 -8.46 4.23 2.20
N LEU A 98 -9.58 3.56 2.32
CA LEU A 98 -10.78 4.03 1.65
C LEU A 98 -11.37 5.23 2.39
N PRO A 99 -11.98 6.16 1.65
CA PRO A 99 -12.74 7.23 2.30
C PRO A 99 -13.88 6.66 3.14
N VAL A 100 -14.23 7.40 4.18
CA VAL A 100 -15.47 7.13 4.91
C VAL A 100 -16.59 7.78 4.10
N GLY A 101 -17.35 6.97 3.37
CA GLY A 101 -18.37 7.45 2.47
C GLY A 101 -17.91 7.59 1.04
N GLY A 102 -18.72 8.31 0.26
CA GLY A 102 -18.36 8.66 -1.09
C GLY A 102 -18.87 7.76 -2.18
N GLY A 103 -19.57 6.67 -1.84
CA GLY A 103 -20.08 5.75 -2.84
C GLY A 103 -19.11 4.67 -3.26
N LEU A 104 -18.01 4.49 -2.53
CA LEU A 104 -17.10 3.37 -2.74
C LEU A 104 -17.41 2.15 -1.88
N GLY A 105 -18.36 2.25 -0.95
CA GLY A 105 -18.79 1.10 -0.16
C GLY A 105 -17.79 0.61 0.88
N GLY A 106 -16.89 1.48 1.34
CA GLY A 106 -15.80 1.04 2.19
C GLY A 106 -16.27 0.45 3.51
N GLY A 107 -17.17 1.13 4.21
CA GLY A 107 -17.72 0.60 5.45
C GLY A 107 -18.47 -0.70 5.26
N SER A 108 -19.23 -0.81 4.16
CA SER A 108 -19.93 -2.06 3.86
C SER A 108 -18.97 -3.18 3.46
N SER A 109 -17.91 -2.84 2.76
CA SER A 109 -16.87 -3.81 2.44
C SER A 109 -16.15 -4.25 3.72
N ASN A 110 -15.95 -3.32 4.66
CA ASN A 110 -15.39 -3.70 5.96
C ASN A 110 -16.32 -4.69 6.66
N ALA A 111 -17.62 -4.42 6.65
CA ALA A 111 -18.56 -5.33 7.26
C ALA A 111 -18.49 -6.71 6.61
N ALA A 112 -18.47 -6.74 5.28
CA ALA A 112 -18.45 -8.00 4.55
C ALA A 112 -17.19 -8.79 4.83
N THR A 113 -16.03 -8.14 4.79
CA THR A 113 -14.77 -8.82 5.06
C THR A 113 -14.75 -9.40 6.48
N VAL A 114 -15.29 -8.66 7.44
CA VAL A 114 -15.34 -9.17 8.82
C VAL A 114 -16.26 -10.39 8.93
N LEU A 115 -17.49 -10.32 8.35
CA LEU A 115 -18.38 -11.48 8.32
C LEU A 115 -17.69 -12.71 7.77
N VAL A 116 -17.06 -12.57 6.61
CA VAL A 116 -16.43 -13.70 5.93
C VAL A 116 -15.23 -14.21 6.73
N ALA A 117 -14.36 -13.31 7.19
CA ALA A 117 -13.16 -13.74 7.92
C ALA A 117 -13.52 -14.40 9.24
N LEU A 118 -14.43 -13.79 10.02
CA LEU A 118 -14.78 -14.36 11.31
C LEU A 118 -15.56 -15.67 11.17
N ASN A 119 -16.46 -15.77 10.19
CA ASN A 119 -17.13 -17.04 9.94
C ASN A 119 -16.10 -18.16 9.74
N HIS A 120 -15.06 -17.86 8.95
CA HIS A 120 -13.97 -18.80 8.73
C HIS A 120 -13.16 -19.03 10.01
N LEU A 121 -12.77 -17.96 10.69
CA LEU A 121 -11.83 -18.12 11.81
C LEU A 121 -12.50 -18.71 13.04
N TRP A 122 -13.76 -18.35 13.31
CA TRP A 122 -14.50 -18.97 14.40
C TRP A 122 -15.09 -20.33 14.01
N GLN A 123 -15.05 -20.70 12.72
CA GLN A 123 -15.57 -21.98 12.25
C GLN A 123 -17.08 -22.07 12.44
N CYS A 124 -17.78 -20.96 12.16
CA CYS A 124 -19.23 -20.94 12.32
C CYS A 124 -19.92 -21.73 11.22
N GLY A 125 -19.23 -21.96 10.11
CA GLY A 125 -19.83 -22.81 9.09
C GLY A 125 -21.02 -22.22 8.39
N LEU A 126 -21.26 -20.92 8.51
CA LEU A 126 -22.39 -20.32 7.81
C LEU A 126 -22.12 -20.30 6.30
N SER A 127 -23.18 -20.41 5.51
CA SER A 127 -23.04 -20.42 4.07
C SER A 127 -22.97 -19.00 3.52
N MET A 128 -22.62 -18.88 2.22
CA MET A 128 -22.72 -17.60 1.51
C MET A 128 -24.08 -16.95 1.69
N ASP A 129 -25.15 -17.73 1.50
CA ASP A 129 -26.49 -17.14 1.52
C ASP A 129 -26.79 -16.56 2.89
N GLU A 130 -26.46 -17.32 3.94
CA GLU A 130 -26.70 -16.84 5.30
C GLU A 130 -25.89 -15.60 5.62
N LEU A 131 -24.62 -15.57 5.24
CA LEU A 131 -23.80 -14.39 5.47
C LEU A 131 -24.34 -13.19 4.70
N ALA A 132 -24.66 -13.41 3.42
CA ALA A 132 -25.22 -12.35 2.58
C ALA A 132 -26.54 -11.85 3.15
N GLU A 133 -27.34 -12.80 3.68
CA GLU A 133 -28.59 -12.46 4.35
C GLU A 133 -28.36 -11.61 5.59
N MET A 134 -27.34 -11.95 6.40
CA MET A 134 -27.00 -11.13 7.55
C MET A 134 -26.36 -9.83 7.14
N GLY A 135 -25.57 -9.84 6.07
CA GLY A 135 -24.97 -8.61 5.61
C GLY A 135 -26.02 -7.60 5.20
N LEU A 136 -27.08 -8.08 4.54
CA LEU A 136 -28.12 -7.17 4.08
C LEU A 136 -28.71 -6.37 5.23
N THR A 137 -28.84 -6.96 6.43
CA THR A 137 -29.33 -6.18 7.56
C THR A 137 -28.37 -5.07 7.96
N LEU A 138 -27.12 -5.11 7.52
CA LEU A 138 -26.18 -4.06 7.82
C LEU A 138 -26.12 -2.99 6.72
N GLY A 139 -26.73 -3.25 5.58
CA GLY A 139 -26.80 -2.28 4.52
C GLY A 139 -26.94 -2.97 3.19
N ALA A 140 -27.57 -2.28 2.24
CA ALA A 140 -27.82 -2.88 0.93
C ALA A 140 -26.53 -3.05 0.14
N ASP A 141 -25.46 -2.35 0.52
CA ASP A 141 -24.14 -2.49 -0.11
C ASP A 141 -23.41 -3.76 0.33
N VAL A 142 -23.78 -4.34 1.46
CA VAL A 142 -22.96 -5.42 2.01
C VAL A 142 -23.03 -6.75 1.23
N PRO A 143 -24.18 -7.17 0.70
CA PRO A 143 -24.22 -8.54 0.10
C PRO A 143 -23.29 -8.73 -1.10
N VAL A 144 -23.15 -7.74 -1.99
CA VAL A 144 -22.27 -7.92 -3.13
C VAL A 144 -20.85 -8.22 -2.68
N PHE A 145 -20.40 -7.55 -1.61
CA PHE A 145 -19.06 -7.83 -1.09
C PHE A 145 -18.98 -9.22 -0.47
N VAL A 146 -20.00 -9.64 0.27
CA VAL A 146 -20.00 -10.99 0.85
C VAL A 146 -19.89 -12.05 -0.26
N ARG A 147 -20.61 -11.86 -1.38
CA ARG A 147 -20.63 -12.90 -2.41
C ARG A 147 -19.41 -12.84 -3.32
N GLY A 148 -18.74 -11.71 -3.38
CA GLY A 148 -17.40 -11.64 -3.95
C GLY A 148 -17.29 -11.64 -5.45
N HIS A 149 -18.36 -11.41 -6.20
CA HIS A 149 -18.22 -11.32 -7.65
C HIS A 149 -18.85 -10.06 -8.22
N ALA A 150 -18.25 -9.54 -9.28
CA ALA A 150 -18.90 -8.45 -9.99
C ALA A 150 -20.27 -8.94 -10.43
N ALA A 151 -21.28 -8.07 -10.36
CA ALA A 151 -22.64 -8.58 -10.47
C ALA A 151 -23.59 -7.51 -10.94
N PHE A 152 -24.55 -7.92 -11.78
CA PHE A 152 -25.73 -7.13 -12.08
C PHE A 152 -26.68 -7.26 -10.90
N ALA A 153 -27.05 -6.14 -10.28
CA ALA A 153 -27.80 -6.19 -9.03
C ALA A 153 -29.15 -5.51 -9.18
N GLU A 154 -30.19 -6.17 -8.67
CA GLU A 154 -31.55 -5.65 -8.69
C GLU A 154 -32.10 -5.75 -7.27
N GLY A 155 -33.41 -5.61 -7.13
CA GLY A 155 -33.95 -5.48 -5.79
C GLY A 155 -33.49 -4.15 -5.23
N VAL A 156 -33.01 -4.18 -3.99
CA VAL A 156 -32.39 -2.97 -3.43
C VAL A 156 -30.87 -3.00 -3.61
N GLY A 157 -30.37 -3.98 -4.36
CA GLY A 157 -28.96 -4.26 -4.47
C GLY A 157 -28.58 -5.67 -4.07
N GLU A 158 -29.50 -6.45 -3.49
CA GLU A 158 -29.20 -7.77 -2.96
C GLU A 158 -29.42 -8.90 -3.96
N ILE A 159 -30.26 -8.70 -4.98
CA ILE A 159 -30.52 -9.71 -6.00
C ILE A 159 -29.38 -9.64 -7.01
N LEU A 160 -28.40 -10.54 -6.87
CA LEU A 160 -27.13 -10.46 -7.59
C LEU A 160 -26.97 -11.56 -8.62
N THR A 161 -26.67 -11.16 -9.86
CA THR A 161 -26.42 -12.09 -10.96
C THR A 161 -24.98 -11.89 -11.40
N PRO A 162 -24.07 -12.83 -11.17
CA PRO A 162 -22.67 -12.59 -11.52
C PRO A 162 -22.53 -12.29 -13.01
N VAL A 163 -21.65 -11.33 -13.33
CA VAL A 163 -21.30 -10.98 -14.71
C VAL A 163 -19.83 -10.59 -14.72
N ASP A 164 -19.24 -10.52 -15.91
CA ASP A 164 -17.82 -10.22 -16.04
C ASP A 164 -17.65 -9.01 -16.95
N PRO A 165 -17.82 -7.81 -16.41
CA PRO A 165 -17.53 -6.59 -17.18
C PRO A 165 -16.05 -6.48 -17.46
N PRO A 166 -15.68 -5.72 -18.50
CA PRO A 166 -14.27 -5.44 -18.73
C PRO A 166 -13.62 -4.89 -17.48
N GLU A 167 -12.40 -5.36 -17.20
CA GLU A 167 -11.67 -4.91 -16.03
C GLU A 167 -10.78 -3.72 -16.42
N LYS A 168 -11.44 -2.57 -16.56
CA LYS A 168 -10.77 -1.34 -16.96
C LYS A 168 -9.92 -0.78 -15.82
N TRP A 169 -9.11 0.23 -16.14
CA TRP A 169 -8.36 0.97 -15.14
C TRP A 169 -9.11 2.26 -14.82
N TYR A 170 -9.15 2.62 -13.53
CA TYR A 170 -9.99 3.71 -13.08
C TYR A 170 -9.16 4.72 -12.33
N LEU A 171 -9.44 5.99 -12.59
CA LEU A 171 -9.01 7.06 -11.71
C LEU A 171 -10.24 7.38 -10.88
N VAL A 172 -10.11 7.26 -9.57
CA VAL A 172 -11.22 7.52 -8.66
C VAL A 172 -10.90 8.78 -7.88
N ALA A 173 -11.78 9.77 -7.96
CA ALA A 173 -11.59 11.07 -7.34
C ALA A 173 -12.65 11.26 -6.26
N HIS A 174 -12.26 11.94 -5.18
CA HIS A 174 -13.14 12.22 -4.05
C HIS A 174 -13.26 13.71 -3.91
N PRO A 175 -14.33 14.31 -4.38
CA PRO A 175 -14.54 15.75 -4.17
C PRO A 175 -14.48 16.06 -2.68
N GLY A 176 -14.02 17.27 -2.35
CA GLY A 176 -13.95 17.65 -0.95
C GLY A 176 -15.30 18.10 -0.41
N VAL A 177 -16.28 17.21 -0.43
CA VAL A 177 -17.56 17.42 0.22
C VAL A 177 -18.05 16.08 0.71
N SER A 178 -18.75 16.09 1.84
CA SER A 178 -19.40 14.91 2.37
C SER A 178 -20.88 14.99 2.01
N ILE A 179 -21.37 13.99 1.28
CA ILE A 179 -22.77 13.88 0.92
C ILE A 179 -23.38 12.77 1.77
N PRO A 180 -24.24 13.08 2.73
CA PRO A 180 -25.04 12.03 3.39
C PRO A 180 -25.88 11.29 2.36
N THR A 181 -25.72 9.97 2.26
CA THR A 181 -26.50 9.23 1.28
C THR A 181 -28.01 9.45 1.42
N PRO A 182 -28.58 9.66 2.62
CA PRO A 182 -30.01 9.97 2.70
C PRO A 182 -30.42 11.17 1.85
N VAL A 183 -29.51 12.13 1.67
CA VAL A 183 -29.83 13.35 0.93
C VAL A 183 -30.27 13.01 -0.49
N ILE A 184 -29.39 12.35 -1.24
CA ILE A 184 -29.70 12.07 -2.64
C ILE A 184 -31.01 11.33 -2.76
N PHE A 185 -31.18 10.24 -1.98
CA PHE A 185 -32.34 9.39 -2.16
C PHE A 185 -33.64 10.03 -1.70
N LYS A 186 -33.56 11.14 -0.96
CA LYS A 186 -34.74 11.88 -0.57
C LYS A 186 -35.03 13.08 -1.48
N ASP A 187 -34.25 13.27 -2.55
CA ASP A 187 -34.47 14.43 -3.41
C ASP A 187 -35.73 14.23 -4.25
N PRO A 188 -36.60 15.23 -4.34
CA PRO A 188 -37.79 15.14 -5.21
C PRO A 188 -37.48 14.78 -6.66
N GLU A 189 -36.39 15.32 -7.20
CA GLU A 189 -36.06 15.25 -8.62
C GLU A 189 -35.21 14.04 -8.97
N LEU A 190 -34.98 13.13 -8.03
CA LEU A 190 -34.24 11.92 -8.34
C LEU A 190 -35.09 11.05 -9.25
N PRO A 191 -34.57 10.56 -10.37
CA PRO A 191 -35.33 9.58 -11.15
C PRO A 191 -35.66 8.37 -10.29
N ARG A 192 -36.95 8.05 -10.23
CA ARG A 192 -37.46 6.85 -9.59
C ARG A 192 -38.35 6.06 -10.55
N ASN A 193 -38.22 6.37 -11.84
CA ASN A 193 -39.09 5.84 -12.87
C ASN A 193 -38.31 5.27 -14.04
N THR A 194 -37.00 5.12 -13.89
CA THR A 194 -36.20 4.62 -15.01
C THR A 194 -36.69 3.22 -15.38
N PRO A 195 -37.01 2.98 -16.65
CA PRO A 195 -37.61 1.68 -17.03
C PRO A 195 -36.68 0.51 -16.74
N LYS A 196 -37.23 -0.52 -16.10
CA LYS A 196 -36.48 -1.74 -15.89
C LYS A 196 -36.17 -2.38 -17.23
N ARG A 197 -34.91 -2.75 -17.45
CA ARG A 197 -34.50 -3.29 -18.74
C ARG A 197 -33.67 -4.55 -18.54
N SER A 198 -33.52 -5.32 -19.61
CA SER A 198 -32.70 -6.52 -19.57
C SER A 198 -31.22 -6.19 -19.48
N ILE A 199 -30.45 -7.16 -18.98
CA ILE A 199 -29.00 -7.01 -18.91
C ILE A 199 -28.42 -6.72 -20.29
N GLU A 200 -28.93 -7.38 -21.34
CA GLU A 200 -28.43 -7.14 -22.70
C GLU A 200 -28.66 -5.70 -23.13
N THR A 201 -29.86 -5.18 -22.90
CA THR A 201 -30.12 -3.77 -23.18
C THR A 201 -29.18 -2.87 -22.38
N LEU A 202 -29.02 -3.16 -21.08
CA LEU A 202 -28.22 -2.31 -20.22
C LEU A 202 -26.75 -2.36 -20.61
N LEU A 203 -26.23 -3.57 -20.89
CA LEU A 203 -24.82 -3.70 -21.25
C LEU A 203 -24.49 -3.06 -22.59
N LYS A 204 -25.50 -2.67 -23.37
CA LYS A 204 -25.30 -2.04 -24.68
C LYS A 204 -25.59 -0.54 -24.66
N CYS A 205 -26.55 -0.13 -23.84
CA CYS A 205 -26.80 1.28 -23.61
C CYS A 205 -25.57 1.93 -22.97
N GLU A 206 -25.39 3.24 -23.24
CA GLU A 206 -24.37 4.00 -22.54
C GLU A 206 -24.60 3.92 -21.04
N PHE A 207 -23.53 3.65 -20.29
CA PHE A 207 -23.65 3.57 -18.83
C PHE A 207 -23.85 4.97 -18.24
N SER A 208 -24.86 5.14 -17.40
CA SER A 208 -24.97 6.36 -16.62
C SER A 208 -25.35 5.99 -15.18
N ASN A 209 -25.35 7.01 -14.32
CA ASN A 209 -25.75 6.89 -12.93
C ASN A 209 -26.86 7.90 -12.70
N ASP A 210 -28.07 7.41 -12.46
CA ASP A 210 -29.26 8.23 -12.27
C ASP A 210 -29.11 9.29 -11.19
N CYS A 211 -28.22 9.06 -10.20
CA CYS A 211 -27.99 9.98 -9.08
C CYS A 211 -27.06 11.13 -9.42
N GLU A 212 -26.34 11.03 -10.55
CA GLU A 212 -25.30 12.00 -10.88
C GLU A 212 -25.85 13.41 -11.11
N VAL A 213 -26.96 13.53 -11.85
CA VAL A 213 -27.56 14.84 -12.12
C VAL A 213 -27.78 15.59 -10.82
N ILE A 214 -28.30 14.91 -9.79
CA ILE A 214 -28.62 15.55 -8.52
C ILE A 214 -27.34 15.89 -7.76
N ALA A 215 -26.41 14.93 -7.65
CA ALA A 215 -25.15 15.21 -6.96
C ALA A 215 -24.45 16.41 -7.58
N ARG A 216 -24.42 16.45 -8.92
CA ARG A 216 -23.75 17.52 -9.65
C ARG A 216 -24.43 18.87 -9.43
N LYS A 217 -25.76 18.87 -9.49
CA LYS A 217 -26.51 20.11 -9.32
C LYS A 217 -26.35 20.65 -7.91
N ARG A 218 -26.40 19.78 -6.92
CA ARG A 218 -26.42 20.25 -5.54
C ARG A 218 -25.06 20.50 -4.96
N PHE A 219 -24.02 19.78 -5.39
CA PHE A 219 -22.69 19.95 -4.81
C PHE A 219 -21.70 20.43 -5.86
N ARG A 220 -21.36 21.72 -5.80
CA ARG A 220 -20.46 22.27 -6.80
C ARG A 220 -19.13 21.54 -6.81
N GLU A 221 -18.69 21.05 -5.64
CA GLU A 221 -17.45 20.27 -5.58
C GLU A 221 -17.52 19.03 -6.47
N VAL A 222 -18.67 18.32 -6.47
CA VAL A 222 -18.83 17.16 -7.34
C VAL A 222 -18.79 17.60 -8.79
N ASP A 223 -19.56 18.66 -9.15
CA ASP A 223 -19.57 19.15 -10.53
C ASP A 223 -18.16 19.53 -11.00
N ALA A 224 -17.37 20.17 -10.14
CA ALA A 224 -16.01 20.54 -10.51
C ALA A 224 -15.17 19.33 -10.87
N VAL A 225 -15.16 18.31 -10.00
CA VAL A 225 -14.37 17.11 -10.24
C VAL A 225 -14.85 16.39 -11.49
N LEU A 226 -16.17 16.30 -11.68
CA LEU A 226 -16.71 15.63 -12.85
C LEU A 226 -16.34 16.37 -14.12
N SER A 227 -16.56 17.69 -14.13
CA SER A 227 -16.17 18.53 -15.27
C SER A 227 -14.71 18.36 -15.61
N TRP A 228 -13.85 18.31 -14.60
CA TRP A 228 -12.42 18.21 -14.89
C TRP A 228 -12.09 16.87 -15.53
N LEU A 229 -12.63 15.78 -15.00
CA LEU A 229 -12.31 14.45 -15.53
C LEU A 229 -12.91 14.22 -16.92
N LEU A 230 -14.10 14.76 -17.17
CA LEU A 230 -14.79 14.51 -18.43
C LEU A 230 -13.99 15.02 -19.61
N GLU A 231 -13.07 15.96 -19.39
CA GLU A 231 -12.19 16.41 -20.46
C GLU A 231 -11.22 15.31 -20.89
N TYR A 232 -10.98 14.33 -20.04
CA TYR A 232 -9.97 13.32 -20.28
C TYR A 232 -10.55 11.95 -20.63
N ALA A 233 -11.72 11.61 -20.12
CA ALA A 233 -12.19 10.24 -20.25
C ALA A 233 -13.66 10.17 -19.80
N PRO A 234 -14.36 9.09 -20.16
CA PRO A 234 -15.72 8.91 -19.64
C PRO A 234 -15.64 8.86 -18.12
N SER A 235 -16.57 9.53 -17.46
CA SER A 235 -16.43 9.82 -16.04
C SER A 235 -17.84 9.91 -15.50
N ARG A 236 -18.06 9.33 -14.32
CA ARG A 236 -19.39 9.25 -13.74
C ARG A 236 -19.28 9.13 -12.22
N LEU A 237 -20.37 9.49 -11.55
CA LEU A 237 -20.48 9.28 -10.12
C LEU A 237 -20.60 7.78 -9.86
N THR A 238 -20.08 7.34 -8.72
CA THR A 238 -20.37 6.02 -8.19
C THR A 238 -21.18 6.17 -6.91
N GLY A 239 -22.01 5.16 -6.64
CA GLY A 239 -22.99 5.26 -5.56
C GLY A 239 -23.82 6.52 -5.68
N THR A 240 -24.18 7.10 -4.53
CA THR A 240 -24.78 8.43 -4.49
C THR A 240 -23.74 9.53 -4.34
N GLY A 241 -22.47 9.24 -4.63
CA GLY A 241 -21.41 10.23 -4.47
C GLY A 241 -20.85 10.27 -3.06
N ALA A 242 -19.85 11.13 -2.86
CA ALA A 242 -19.40 12.12 -3.81
C ALA A 242 -18.36 11.62 -4.80
N CYS A 243 -17.87 10.38 -4.68
CA CYS A 243 -16.78 9.96 -5.55
C CYS A 243 -17.23 9.83 -6.99
N VAL A 244 -16.29 10.07 -7.88
CA VAL A 244 -16.48 10.09 -9.32
C VAL A 244 -15.35 9.27 -9.87
N PHE A 245 -15.60 8.47 -10.91
CA PHE A 245 -14.50 7.75 -11.52
C PHE A 245 -14.39 8.04 -13.02
N ALA A 246 -13.16 7.96 -13.53
CA ALA A 246 -12.90 8.05 -14.96
C ALA A 246 -12.32 6.71 -15.41
N GLU A 247 -12.81 6.22 -16.56
CA GLU A 247 -12.49 4.89 -17.08
C GLU A 247 -11.40 5.00 -18.12
N PHE A 248 -10.42 4.12 -18.03
CA PHE A 248 -9.31 4.07 -18.96
C PHE A 248 -9.08 2.62 -19.37
N ASP A 249 -8.44 2.43 -20.52
CA ASP A 249 -8.08 1.09 -21.00
C ASP A 249 -6.75 0.60 -20.45
N THR A 250 -5.87 1.50 -20.04
CA THR A 250 -4.54 1.10 -19.60
C THR A 250 -4.17 1.83 -18.33
N GLU A 251 -3.31 1.20 -17.55
CA GLU A 251 -2.82 1.81 -16.33
C GLU A 251 -2.07 3.11 -16.61
N SER A 252 -1.28 3.15 -17.69
CA SER A 252 -0.44 4.29 -17.97
C SER A 252 -1.27 5.54 -18.24
N GLU A 253 -2.32 5.41 -19.05
CA GLU A 253 -3.19 6.57 -19.27
C GLU A 253 -3.81 7.04 -17.97
N ALA A 254 -4.34 6.10 -17.16
CA ALA A 254 -4.99 6.50 -15.91
C ALA A 254 -4.01 7.22 -15.00
N ARG A 255 -2.77 6.72 -14.89
CA ARG A 255 -1.80 7.35 -14.01
C ARG A 255 -1.30 8.68 -14.55
N GLN A 256 -1.19 8.80 -15.88
CA GLN A 256 -0.77 10.06 -16.46
C GLN A 256 -1.78 11.17 -16.15
N VAL A 257 -3.07 10.87 -16.33
CA VAL A 257 -4.11 11.84 -15.94
C VAL A 257 -4.02 12.14 -14.45
N LEU A 258 -3.79 11.11 -13.63
CA LEU A 258 -3.66 11.32 -12.19
C LEU A 258 -2.49 12.24 -11.85
N GLU A 259 -1.32 12.01 -12.47
CA GLU A 259 -0.19 12.92 -12.27
C GLU A 259 -0.55 14.36 -12.60
N GLN A 260 -1.50 14.55 -13.51
CA GLN A 260 -1.93 15.87 -13.94
C GLN A 260 -2.97 16.48 -13.01
N ALA A 261 -3.63 15.67 -12.22
CA ALA A 261 -4.80 16.14 -11.51
C ALA A 261 -4.39 17.10 -10.39
N PRO A 262 -5.04 18.25 -10.26
CA PRO A 262 -4.87 19.05 -9.05
C PRO A 262 -5.17 18.23 -7.80
N GLU A 263 -4.58 18.65 -6.68
CA GLU A 263 -4.72 17.85 -5.47
C GLU A 263 -6.17 17.83 -4.98
N TRP A 264 -6.98 18.83 -5.35
CA TRP A 264 -8.37 18.80 -4.88
C TRP A 264 -9.19 17.69 -5.52
N LEU A 265 -8.63 16.94 -6.49
CA LEU A 265 -9.31 15.72 -6.94
C LEU A 265 -9.23 14.62 -5.89
N ASN A 266 -8.19 14.62 -5.05
CA ASN A 266 -8.00 13.57 -4.05
C ASN A 266 -8.09 12.18 -4.70
N GLY A 267 -7.34 12.00 -5.78
CA GLY A 267 -7.50 10.84 -6.64
C GLY A 267 -6.55 9.71 -6.36
N PHE A 268 -7.00 8.50 -6.70
CA PHE A 268 -6.18 7.29 -6.75
C PHE A 268 -6.53 6.51 -8.00
N VAL A 269 -5.64 5.62 -8.41
CA VAL A 269 -5.82 4.81 -9.60
C VAL A 269 -5.86 3.35 -9.15
N ALA A 270 -6.78 2.58 -9.71
CA ALA A 270 -6.91 1.16 -9.35
C ALA A 270 -7.58 0.42 -10.49
N LYS A 271 -7.31 -0.88 -10.57
CA LYS A 271 -7.86 -1.71 -11.62
C LYS A 271 -9.18 -2.35 -11.17
N GLY A 272 -10.13 -2.43 -12.09
CA GLY A 272 -11.35 -3.18 -11.81
C GLY A 272 -11.07 -4.65 -11.64
N VAL A 273 -11.83 -5.31 -10.74
CA VAL A 273 -11.65 -6.73 -10.43
C VAL A 273 -13.01 -7.40 -10.36
N ASN A 274 -13.22 -8.40 -11.20
CA ASN A 274 -14.51 -9.07 -11.20
C ASN A 274 -14.58 -10.12 -10.09
N LEU A 275 -13.44 -10.56 -9.57
CA LEU A 275 -13.38 -11.40 -8.37
C LEU A 275 -12.84 -10.53 -7.23
N SER A 276 -13.61 -10.43 -6.16
CA SER A 276 -13.19 -9.61 -5.02
C SER A 276 -11.84 -10.09 -4.48
N PRO A 277 -10.88 -9.18 -4.27
CA PRO A 277 -9.65 -9.56 -3.57
C PRO A 277 -9.86 -10.37 -2.31
N LEU A 278 -10.98 -10.14 -1.62
CA LEU A 278 -11.25 -10.92 -0.42
C LEU A 278 -11.43 -12.39 -0.79
N HIS A 279 -12.27 -12.67 -1.78
CA HIS A 279 -12.51 -14.05 -2.18
C HIS A 279 -11.32 -14.65 -2.91
N ARG A 280 -10.52 -13.80 -3.58
CA ARG A 280 -9.25 -14.27 -4.14
C ARG A 280 -8.36 -14.81 -3.04
N ALA A 281 -8.18 -14.02 -1.97
CA ALA A 281 -7.48 -14.44 -0.76
C ALA A 281 -8.03 -15.75 -0.13
N ARG B 2 1.81 20.32 -1.56
CA ARG B 2 2.19 18.98 -1.09
C ARG B 2 2.42 17.97 -2.25
N THR B 3 3.56 17.26 -2.20
CA THR B 3 3.91 16.26 -3.22
C THR B 3 4.41 15.00 -2.51
N GLN B 4 4.18 13.85 -3.15
CA GLN B 4 4.52 12.52 -2.64
C GLN B 4 5.70 11.94 -3.42
N TRP B 5 6.68 11.37 -2.69
CA TRP B 5 7.89 10.84 -3.30
C TRP B 5 8.18 9.44 -2.77
N PRO B 6 8.49 8.47 -3.63
CA PRO B 6 8.75 7.12 -3.14
C PRO B 6 10.16 6.97 -2.59
N SER B 7 10.29 6.00 -1.69
CA SER B 7 11.56 5.67 -1.05
C SER B 7 11.68 4.15 -1.00
N PRO B 8 12.20 3.51 -2.06
CA PRO B 8 12.22 2.05 -2.12
C PRO B 8 13.29 1.44 -1.22
N ALA B 9 13.08 0.17 -0.86
CA ALA B 9 14.11 -0.60 -0.19
C ALA B 9 15.19 -1.00 -1.20
N LYS B 10 16.33 -1.45 -0.69
CA LYS B 10 17.31 -2.18 -1.49
C LYS B 10 17.55 -3.56 -0.89
N LEU B 11 18.05 -4.47 -1.73
CA LEU B 11 18.63 -5.73 -1.32
C LEU B 11 20.10 -5.71 -1.75
N ASN B 12 21.00 -6.29 -0.95
CA ASN B 12 22.32 -6.69 -1.45
C ASN B 12 22.16 -8.08 -2.03
N LEU B 13 22.10 -8.19 -3.36
CA LEU B 13 21.98 -9.51 -3.96
C LEU B 13 23.20 -10.38 -3.66
N PHE B 14 24.38 -9.79 -3.66
CA PHE B 14 25.57 -10.38 -3.05
C PHE B 14 26.36 -9.29 -2.35
N LEU B 15 27.26 -9.70 -1.47
CA LEU B 15 28.00 -8.76 -0.63
C LEU B 15 29.30 -9.44 -0.23
N TYR B 16 30.42 -8.91 -0.73
CA TYR B 16 31.76 -9.42 -0.41
C TYR B 16 32.57 -8.30 0.24
N ILE B 17 33.26 -8.62 1.33
CA ILE B 17 34.09 -7.68 2.08
C ILE B 17 35.53 -7.91 1.68
N THR B 18 36.15 -6.92 1.03
CA THR B 18 37.48 -7.06 0.46
C THR B 18 38.58 -6.43 1.32
N GLY B 19 38.24 -5.67 2.35
CA GLY B 19 39.23 -5.04 3.20
C GLY B 19 38.58 -4.02 4.11
N GLN B 20 39.41 -3.37 4.92
CA GLN B 20 38.93 -2.37 5.87
C GLN B 20 39.81 -1.13 5.82
N ARG B 21 39.19 0.05 5.75
CA ARG B 21 39.98 1.27 5.68
C ARG B 21 40.29 1.84 7.05
N ALA B 22 41.26 2.76 7.08
CA ALA B 22 41.73 3.29 8.35
C ALA B 22 40.65 4.09 9.04
N ASP B 23 39.62 4.52 8.33
CA ASP B 23 38.50 5.18 8.98
C ASP B 23 37.46 4.19 9.51
N GLY B 24 37.71 2.89 9.41
CA GLY B 24 36.84 1.89 9.97
C GLY B 24 35.82 1.30 9.00
N TYR B 25 35.53 1.99 7.90
CA TYR B 25 34.67 1.47 6.85
C TYR B 25 35.39 0.36 6.07
N HIS B 26 34.58 -0.54 5.51
CA HIS B 26 35.08 -1.68 4.77
C HIS B 26 34.94 -1.45 3.27
N THR B 27 35.92 -1.92 2.52
CA THR B 27 35.77 -1.91 1.08
C THR B 27 35.02 -3.18 0.68
N LEU B 28 34.20 -3.07 -0.35
CA LEU B 28 33.32 -4.19 -0.65
C LEU B 28 33.11 -4.31 -2.15
N GLN B 29 32.51 -5.43 -2.51
CA GLN B 29 31.99 -5.66 -3.84
C GLN B 29 30.57 -6.17 -3.62
N THR B 30 29.58 -5.41 -4.08
CA THR B 30 28.19 -5.72 -3.73
C THR B 30 27.32 -5.38 -4.92
N LEU B 31 26.18 -6.05 -5.01
CA LEU B 31 25.21 -5.80 -6.07
C LEU B 31 23.93 -5.30 -5.42
N PHE B 32 23.54 -4.06 -5.77
CA PHE B 32 22.32 -3.44 -5.26
C PHE B 32 21.19 -3.66 -6.25
N GLN B 33 20.00 -3.97 -5.73
CA GLN B 33 18.78 -3.94 -6.51
C GLN B 33 17.68 -3.36 -5.64
N PHE B 34 16.86 -2.49 -6.23
CA PHE B 34 15.79 -1.94 -5.41
C PHE B 34 14.65 -2.94 -5.31
N LEU B 35 13.70 -2.60 -4.46
CA LEU B 35 12.44 -3.31 -4.38
C LEU B 35 11.35 -2.30 -4.68
N ASP B 36 10.35 -2.75 -5.43
CA ASP B 36 9.15 -1.95 -5.69
C ASP B 36 8.26 -2.00 -4.46
N TYR B 37 8.77 -1.39 -3.39
CA TYR B 37 8.17 -1.48 -2.08
C TYR B 37 8.94 -0.55 -1.18
N GLY B 38 8.28 0.40 -0.53
CA GLY B 38 9.02 1.23 0.40
C GLY B 38 8.17 2.25 1.13
N ASP B 39 8.86 3.27 1.63
CA ASP B 39 8.22 4.38 2.32
C ASP B 39 7.69 5.39 1.30
N THR B 40 6.77 6.24 1.75
CA THR B 40 6.28 7.34 0.92
C THR B 40 6.48 8.63 1.70
N ILE B 41 7.17 9.58 1.08
CA ILE B 41 7.55 10.83 1.73
C ILE B 41 6.73 11.95 1.11
N SER B 42 6.06 12.72 1.96
CA SER B 42 5.28 13.88 1.56
C SER B 42 5.98 15.14 2.02
N ILE B 43 6.03 16.12 1.12
CA ILE B 43 6.75 17.36 1.36
C ILE B 43 5.81 18.52 1.03
N GLU B 44 5.72 19.46 1.95
CA GLU B 44 5.04 20.73 1.73
C GLU B 44 6.04 21.84 1.99
N LEU B 45 6.14 22.78 1.05
CA LEU B 45 7.15 23.82 1.18
C LEU B 45 6.75 24.83 2.24
N ARG B 46 7.73 25.25 3.04
CA ARG B 46 7.61 26.37 3.95
C ARG B 46 8.33 27.58 3.36
N ASP B 47 7.89 28.78 3.72
CA ASP B 47 8.61 29.98 3.27
C ASP B 47 9.26 30.72 4.42
N ASP B 48 9.52 30.04 5.53
CA ASP B 48 10.18 30.62 6.68
C ASP B 48 11.54 30.01 6.94
N GLY B 49 12.02 29.16 6.03
CA GLY B 49 13.32 28.55 6.18
C GLY B 49 13.43 27.45 7.22
N ASP B 50 12.36 27.07 7.89
CA ASP B 50 12.48 25.98 8.87
C ASP B 50 12.31 24.64 8.16
N ILE B 51 12.89 23.61 8.77
CA ILE B 51 12.74 22.22 8.37
C ILE B 51 12.02 21.49 9.48
N ARG B 52 10.87 20.90 9.17
CA ARG B 52 10.05 20.18 10.14
C ARG B 52 9.76 18.78 9.64
N LEU B 53 10.13 17.80 10.44
CA LEU B 53 9.66 16.43 10.25
C LEU B 53 8.44 16.27 11.14
N LEU B 54 7.26 16.15 10.53
CA LEU B 54 6.04 16.09 11.34
C LEU B 54 5.65 14.68 11.76
N THR B 55 6.25 13.65 11.18
CA THR B 55 5.93 12.26 11.54
C THR B 55 7.20 11.56 11.96
N PRO B 56 7.42 11.32 13.26
CA PRO B 56 8.64 10.64 13.68
C PRO B 56 8.69 9.20 13.17
N VAL B 57 9.90 8.70 13.04
CA VAL B 57 10.15 7.30 12.69
C VAL B 57 10.45 6.57 13.99
N GLU B 58 9.67 5.52 14.27
CA GLU B 58 9.83 4.73 15.48
C GLU B 58 11.25 4.20 15.63
N GLY B 59 11.86 4.46 16.77
CA GLY B 59 13.21 4.00 17.02
C GLY B 59 14.31 4.91 16.51
N VAL B 60 13.97 5.96 15.77
CA VAL B 60 14.96 6.92 15.27
C VAL B 60 14.72 8.24 15.98
N GLU B 61 15.71 8.70 16.72
CA GLU B 61 15.61 10.02 17.30
C GLU B 61 15.65 11.09 16.22
N HIS B 62 14.96 12.19 16.50
CA HIS B 62 14.82 13.30 15.57
C HIS B 62 16.17 13.73 15.01
N GLU B 63 17.10 14.09 15.89
CA GLU B 63 18.38 14.63 15.42
C GLU B 63 19.18 13.62 14.62
N ASP B 64 18.88 12.32 14.77
CA ASP B 64 19.58 11.27 14.05
C ASP B 64 18.85 10.85 12.78
N ASN B 65 17.61 11.29 12.60
CA ASN B 65 16.85 10.85 11.44
C ASN B 65 17.47 11.40 10.15
N LEU B 66 17.75 10.50 9.20
CA LEU B 66 18.39 10.93 7.96
C LEU B 66 17.50 11.86 7.14
N ILE B 67 16.19 11.90 7.39
CA ILE B 67 15.34 12.85 6.70
C ILE B 67 15.75 14.28 7.07
N VAL B 68 15.90 14.56 8.37
CA VAL B 68 16.22 15.93 8.76
C VAL B 68 17.69 16.22 8.47
N ARG B 69 18.58 15.25 8.70
CA ARG B 69 19.99 15.45 8.34
C ARG B 69 20.16 15.79 6.87
N ALA B 70 19.49 15.05 5.98
CA ALA B 70 19.64 15.32 4.54
C ALA B 70 19.12 16.69 4.18
N ALA B 71 17.92 17.03 4.66
CA ALA B 71 17.34 18.33 4.34
C ALA B 71 18.23 19.46 4.86
N ARG B 72 18.71 19.35 6.10
CA ARG B 72 19.62 20.38 6.62
C ARG B 72 20.88 20.47 5.78
N LEU B 73 21.46 19.32 5.43
CA LEU B 73 22.67 19.32 4.62
C LEU B 73 22.44 20.01 3.28
N LEU B 74 21.33 19.68 2.62
CA LEU B 74 21.00 20.33 1.35
C LEU B 74 20.76 21.82 1.55
N MET B 75 20.00 22.19 2.57
CA MET B 75 19.80 23.61 2.84
C MET B 75 21.11 24.36 2.97
N LYS B 76 22.06 23.80 3.74
CA LYS B 76 23.29 24.54 4.00
C LYS B 76 24.16 24.63 2.75
N THR B 77 24.32 23.51 2.05
CA THR B 77 25.14 23.48 0.84
C THR B 77 24.61 24.47 -0.20
N ALA B 78 23.30 24.42 -0.46
CA ALA B 78 22.73 25.31 -1.45
C ALA B 78 22.84 26.76 -1.01
N ALA B 79 22.58 27.02 0.28
CA ALA B 79 22.72 28.38 0.79
C ALA B 79 24.14 28.91 0.57
N ASP B 80 25.15 28.11 0.89
CA ASP B 80 26.53 28.56 0.78
C ASP B 80 27.01 28.78 -0.65
N SER B 81 26.25 28.34 -1.66
CA SER B 81 26.66 28.54 -3.04
C SER B 81 25.65 29.36 -3.82
N GLY B 82 24.71 30.02 -3.12
CA GLY B 82 23.74 30.88 -3.76
C GLY B 82 22.53 30.17 -4.33
N ARG B 83 22.43 28.85 -4.22
CA ARG B 83 21.38 28.12 -4.91
C ARG B 83 20.12 27.90 -4.07
N LEU B 84 19.96 28.64 -2.99
CA LEU B 84 18.78 28.48 -2.13
C LEU B 84 17.94 29.75 -2.16
N PRO B 85 16.81 29.74 -2.89
CA PRO B 85 15.90 30.88 -2.85
C PRO B 85 15.70 31.32 -1.41
N THR B 86 15.56 32.63 -1.19
CA THR B 86 15.60 33.16 0.16
C THR B 86 14.63 32.41 1.06
N GLY B 87 13.38 32.24 0.61
CA GLY B 87 12.42 31.54 1.43
C GLY B 87 12.25 30.08 1.07
N SER B 88 13.09 29.19 1.60
CA SER B 88 13.03 27.77 1.26
C SER B 88 13.02 26.96 2.55
N GLY B 89 11.88 26.35 2.88
CA GLY B 89 11.77 25.42 3.98
C GLY B 89 10.84 24.28 3.59
N ALA B 90 10.69 23.32 4.51
CA ALA B 90 9.86 22.15 4.21
C ALA B 90 9.28 21.55 5.48
N ASN B 91 8.02 21.14 5.36
CA ASN B 91 7.37 20.19 6.25
C ASN B 91 7.48 18.83 5.60
N ILE B 92 8.00 17.84 6.32
CA ILE B 92 8.21 16.51 5.74
C ILE B 92 7.43 15.51 6.59
N SER B 93 6.64 14.67 5.92
CA SER B 93 5.98 13.55 6.57
C SER B 93 6.35 12.28 5.83
N ILE B 94 6.27 11.14 6.54
CA ILE B 94 6.63 9.86 5.95
C ILE B 94 5.65 8.79 6.40
N ASP B 95 5.09 8.07 5.43
CA ASP B 95 4.41 6.81 5.67
C ASP B 95 5.50 5.74 5.64
N LYS B 96 5.94 5.28 6.83
CA LYS B 96 7.08 4.37 6.93
C LYS B 96 6.58 2.94 6.88
N ARG B 97 6.96 2.21 5.82
CA ARG B 97 6.66 0.80 5.66
C ARG B 97 7.85 -0.11 5.92
N LEU B 98 9.07 0.38 5.72
CA LEU B 98 10.28 -0.42 5.80
C LEU B 98 10.73 -0.58 7.25
N PRO B 99 11.17 -1.76 7.64
CA PRO B 99 11.72 -1.90 8.99
C PRO B 99 12.95 -1.01 9.14
N VAL B 100 13.14 -0.52 10.36
CA VAL B 100 14.31 0.27 10.70
C VAL B 100 15.49 -0.66 10.95
N GLY B 101 16.59 -0.43 10.24
CA GLY B 101 17.85 -1.05 10.59
C GLY B 101 17.96 -2.54 10.31
N GLY B 102 17.35 -3.02 9.23
CA GLY B 102 17.42 -4.43 8.91
C GLY B 102 18.19 -4.80 7.66
N GLY B 103 18.88 -3.85 7.02
CA GLY B 103 19.65 -4.13 5.83
C GLY B 103 18.91 -3.84 4.53
N LEU B 104 17.77 -3.16 4.60
CA LEU B 104 17.02 -2.72 3.44
C LEU B 104 17.39 -1.31 3.03
N GLY B 105 18.26 -0.65 3.80
CA GLY B 105 18.70 0.70 3.51
C GLY B 105 17.59 1.73 3.55
N GLY B 106 16.55 1.47 4.35
CA GLY B 106 15.39 2.37 4.33
C GLY B 106 15.73 3.79 4.75
N GLY B 107 16.57 3.93 5.79
CA GLY B 107 16.95 5.26 6.24
C GLY B 107 17.71 6.05 5.18
N SER B 108 18.63 5.38 4.49
CA SER B 108 19.39 6.04 3.43
C SER B 108 18.51 6.30 2.20
N SER B 109 17.59 5.38 1.90
CA SER B 109 16.56 5.65 0.90
C SER B 109 15.78 6.92 1.24
N ASN B 110 15.37 7.07 2.50
CA ASN B 110 14.72 8.30 2.92
C ASN B 110 15.61 9.51 2.69
N ALA B 111 16.91 9.40 3.03
CA ALA B 111 17.82 10.48 2.76
C ALA B 111 17.91 10.79 1.27
N ALA B 112 18.07 9.76 0.43
CA ALA B 112 18.17 10.01 -1.01
C ALA B 112 16.91 10.70 -1.53
N THR B 113 15.74 10.16 -1.16
CA THR B 113 14.47 10.71 -1.62
C THR B 113 14.33 12.17 -1.25
N VAL B 114 14.74 12.52 -0.01
CA VAL B 114 14.65 13.90 0.44
C VAL B 114 15.60 14.79 -0.36
N LEU B 115 16.85 14.35 -0.54
CA LEU B 115 17.81 15.12 -1.31
C LEU B 115 17.31 15.39 -2.74
N VAL B 116 16.84 14.34 -3.40
CA VAL B 116 16.34 14.49 -4.77
C VAL B 116 15.10 15.39 -4.80
N ALA B 117 14.15 15.13 -3.90
CA ALA B 117 12.90 15.86 -3.94
C ALA B 117 13.13 17.32 -3.62
N LEU B 118 13.89 17.60 -2.56
CA LEU B 118 14.10 18.98 -2.15
C LEU B 118 14.99 19.71 -3.15
N ASN B 119 15.93 19.01 -3.79
CA ASN B 119 16.72 19.63 -4.85
C ASN B 119 15.79 20.16 -5.95
N HIS B 120 14.83 19.32 -6.39
CA HIS B 120 13.87 19.73 -7.41
C HIS B 120 12.93 20.82 -6.86
N LEU B 121 12.35 20.59 -5.67
CA LEU B 121 11.32 21.51 -5.17
C LEU B 121 11.90 22.86 -4.77
N TRP B 122 13.10 22.89 -4.21
CA TRP B 122 13.77 24.15 -3.90
C TRP B 122 14.50 24.74 -5.10
N GLN B 123 14.52 24.03 -6.23
CA GLN B 123 15.21 24.47 -7.44
C GLN B 123 16.68 24.80 -7.13
N CYS B 124 17.34 23.91 -6.39
CA CYS B 124 18.76 24.14 -6.14
C CYS B 124 19.62 23.83 -7.36
N GLY B 125 19.08 23.11 -8.33
CA GLY B 125 19.84 22.81 -9.54
C GLY B 125 21.05 21.92 -9.35
N LEU B 126 21.12 21.13 -8.28
CA LEU B 126 22.32 20.33 -8.10
C LEU B 126 22.30 19.11 -9.02
N SER B 127 23.49 18.72 -9.46
CA SER B 127 23.64 17.57 -10.33
C SER B 127 23.50 16.27 -9.54
N MET B 128 23.24 15.19 -10.28
CA MET B 128 23.28 13.86 -9.72
C MET B 128 24.58 13.63 -8.96
N ASP B 129 25.71 13.96 -9.58
CA ASP B 129 27.00 13.75 -8.93
C ASP B 129 27.10 14.55 -7.64
N GLU B 130 26.66 15.82 -7.67
CA GLU B 130 26.67 16.64 -6.47
C GLU B 130 25.76 16.07 -5.39
N LEU B 131 24.57 15.58 -5.77
CA LEU B 131 23.70 14.99 -4.76
C LEU B 131 24.30 13.70 -4.20
N ALA B 132 24.85 12.86 -5.09
CA ALA B 132 25.40 11.58 -4.63
C ALA B 132 26.56 11.80 -3.68
N GLU B 133 27.39 12.84 -3.93
CA GLU B 133 28.49 13.11 -3.01
C GLU B 133 28.02 13.73 -1.72
N MET B 134 26.96 14.55 -1.75
CA MET B 134 26.35 14.95 -0.49
C MET B 134 25.79 13.73 0.22
N GLY B 135 25.20 12.80 -0.55
CA GLY B 135 24.63 11.62 0.06
C GLY B 135 25.65 10.78 0.81
N LEU B 136 26.84 10.62 0.22
CA LEU B 136 27.89 9.82 0.87
C LEU B 136 28.21 10.32 2.27
N THR B 137 28.24 11.65 2.48
CA THR B 137 28.60 12.16 3.79
C THR B 137 27.56 11.81 4.83
N LEU B 138 26.34 11.44 4.40
CA LEU B 138 25.34 10.97 5.36
C LEU B 138 25.39 9.48 5.59
N GLY B 139 25.81 8.70 4.61
CA GLY B 139 25.82 7.27 4.77
C GLY B 139 26.24 6.58 3.49
N ALA B 140 27.01 5.49 3.62
CA ALA B 140 27.44 4.79 2.42
C ALA B 140 26.29 4.13 1.67
N ASP B 141 25.12 3.94 2.31
CA ASP B 141 23.96 3.40 1.58
C ASP B 141 23.28 4.45 0.67
N VAL B 142 23.53 5.74 0.88
CA VAL B 142 22.75 6.80 0.22
C VAL B 142 23.02 6.92 -1.28
N PRO B 143 24.28 6.89 -1.72
CA PRO B 143 24.54 7.14 -3.15
C PRO B 143 23.80 6.23 -4.12
N VAL B 144 23.69 4.92 -3.85
CA VAL B 144 23.00 4.05 -4.79
C VAL B 144 21.57 4.54 -5.00
N PHE B 145 20.90 4.95 -3.91
CA PHE B 145 19.52 5.41 -4.01
C PHE B 145 19.44 6.72 -4.79
N VAL B 146 20.40 7.61 -4.60
CA VAL B 146 20.38 8.88 -5.32
C VAL B 146 20.52 8.65 -6.82
N ARG B 147 21.45 7.78 -7.23
CA ARG B 147 21.65 7.59 -8.66
C ARG B 147 20.56 6.75 -9.31
N GLY B 148 19.79 6.00 -8.51
CA GLY B 148 18.51 5.47 -8.96
C GLY B 148 18.53 4.24 -9.84
N HIS B 149 19.66 3.53 -9.96
CA HIS B 149 19.70 2.31 -10.76
C HIS B 149 20.32 1.14 -10.00
N ALA B 150 19.81 -0.07 -10.23
CA ALA B 150 20.52 -1.25 -9.74
C ALA B 150 21.96 -1.15 -10.20
N ALA B 151 22.90 -1.48 -9.32
CA ALA B 151 24.30 -1.20 -9.60
C ALA B 151 25.22 -2.18 -8.88
N PHE B 152 26.26 -2.57 -9.58
CA PHE B 152 27.42 -3.13 -8.93
C PHE B 152 28.18 -1.99 -8.26
N ALA B 153 28.63 -2.22 -7.04
CA ALA B 153 29.28 -1.18 -6.27
C ALA B 153 30.55 -1.71 -5.62
N GLU B 154 31.60 -0.89 -5.69
CA GLU B 154 32.80 -1.10 -4.88
C GLU B 154 33.09 0.14 -4.05
N GLY B 155 34.36 0.36 -3.73
CA GLY B 155 34.63 1.35 -2.70
C GLY B 155 34.00 0.90 -1.41
N VAL B 156 33.33 1.83 -0.72
CA VAL B 156 32.54 1.48 0.45
C VAL B 156 31.08 1.31 0.10
N GLY B 157 30.75 1.28 -1.20
CA GLY B 157 29.39 1.16 -1.70
C GLY B 157 29.01 2.26 -2.68
N GLU B 158 29.95 3.17 -2.98
CA GLU B 158 29.61 4.37 -3.72
C GLU B 158 30.23 4.44 -5.12
N ILE B 159 31.11 3.50 -5.48
CA ILE B 159 31.69 3.42 -6.81
C ILE B 159 30.78 2.50 -7.60
N LEU B 160 29.83 3.09 -8.35
CA LEU B 160 28.66 2.37 -8.85
C LEU B 160 28.69 2.20 -10.37
N THR B 161 28.39 0.98 -10.81
CA THR B 161 28.27 0.64 -12.23
C THR B 161 26.89 0.07 -12.46
N PRO B 162 26.01 0.79 -13.16
CA PRO B 162 24.66 0.28 -13.40
C PRO B 162 24.68 -1.06 -14.13
N VAL B 163 23.81 -1.95 -13.67
CA VAL B 163 23.62 -3.26 -14.28
C VAL B 163 22.14 -3.61 -14.17
N ASP B 164 21.76 -4.72 -14.78
CA ASP B 164 20.35 -5.10 -14.90
C ASP B 164 20.16 -6.57 -14.50
N PRO B 165 20.26 -6.87 -13.21
CA PRO B 165 20.01 -8.25 -12.75
C PRO B 165 18.55 -8.63 -12.94
N PRO B 166 18.23 -9.92 -12.96
CA PRO B 166 16.83 -10.32 -13.12
C PRO B 166 15.96 -9.74 -12.01
N GLU B 167 14.76 -9.30 -12.39
CA GLU B 167 13.82 -8.66 -11.48
C GLU B 167 12.88 -9.71 -10.92
N LYS B 168 13.43 -10.50 -10.01
CA LYS B 168 12.76 -11.61 -9.35
C LYS B 168 11.76 -11.12 -8.31
N TRP B 169 10.99 -12.08 -7.78
CA TRP B 169 10.10 -11.81 -6.67
C TRP B 169 10.76 -12.27 -5.38
N TYR B 170 10.66 -11.43 -4.36
CA TYR B 170 11.37 -11.67 -3.10
C TYR B 170 10.39 -11.74 -1.93
N LEU B 171 10.63 -12.71 -1.06
CA LEU B 171 10.05 -12.73 0.26
C LEU B 171 11.11 -12.17 1.20
N VAL B 172 10.84 -11.00 1.77
CA VAL B 172 11.76 -10.33 2.68
C VAL B 172 11.26 -10.52 4.10
N ALA B 173 12.11 -11.07 4.95
CA ALA B 173 11.70 -11.43 6.30
C ALA B 173 12.58 -10.70 7.30
N HIS B 174 11.98 -10.35 8.44
CA HIS B 174 12.59 -9.46 9.42
C HIS B 174 12.54 -10.18 10.76
N PRO B 175 13.64 -10.82 11.15
CA PRO B 175 13.66 -11.54 12.44
C PRO B 175 13.15 -10.76 13.64
N GLY B 176 13.27 -9.43 13.69
CA GLY B 176 12.70 -8.68 14.80
C GLY B 176 13.65 -8.42 15.97
N VAL B 177 14.76 -9.14 16.06
CA VAL B 177 15.87 -8.71 16.92
C VAL B 177 16.52 -7.48 16.30
N SER B 178 16.78 -6.46 17.12
CA SER B 178 17.43 -5.22 16.66
C SER B 178 18.93 -5.38 16.77
N ILE B 179 19.60 -5.59 15.64
CA ILE B 179 21.06 -5.73 15.60
C ILE B 179 21.63 -4.33 15.45
N PRO B 180 22.27 -3.77 16.48
CA PRO B 180 22.85 -2.42 16.30
C PRO B 180 23.78 -2.40 15.11
N THR B 181 23.83 -1.24 14.45
CA THR B 181 24.52 -1.17 13.16
C THR B 181 26.00 -1.50 13.23
N PRO B 182 26.74 -1.18 14.30
CA PRO B 182 28.18 -1.47 14.30
C PRO B 182 28.50 -2.96 14.43
N VAL B 183 27.72 -3.71 15.21
CA VAL B 183 28.09 -5.03 15.72
C VAL B 183 28.72 -5.91 14.64
N ILE B 184 28.03 -6.10 13.52
CA ILE B 184 28.53 -7.09 12.56
C ILE B 184 29.87 -6.64 11.99
N PHE B 185 29.98 -5.36 11.61
CA PHE B 185 31.21 -4.90 10.98
C PHE B 185 32.36 -4.75 11.97
N LYS B 186 32.10 -4.83 13.27
CA LYS B 186 33.15 -4.87 14.26
C LYS B 186 33.49 -6.28 14.72
N ASP B 187 32.83 -7.30 14.18
CA ASP B 187 33.07 -8.67 14.66
C ASP B 187 34.46 -9.14 14.27
N PRO B 188 35.23 -9.72 15.19
CA PRO B 188 36.58 -10.18 14.82
C PRO B 188 36.58 -11.33 13.83
N GLU B 189 35.46 -11.98 13.58
CA GLU B 189 35.48 -13.11 12.68
C GLU B 189 34.86 -12.80 11.33
N LEU B 190 34.44 -11.55 11.09
CA LEU B 190 33.92 -11.15 9.80
C LEU B 190 34.97 -11.38 8.73
N PRO B 191 34.63 -12.02 7.60
CA PRO B 191 35.55 -12.01 6.46
C PRO B 191 35.91 -10.58 6.12
N ARG B 192 37.20 -10.32 5.95
CA ARG B 192 37.67 -9.00 5.54
C ARG B 192 38.80 -9.10 4.52
N ASN B 193 38.88 -10.23 3.81
CA ASN B 193 39.96 -10.54 2.88
C ASN B 193 39.45 -11.29 1.66
N THR B 194 38.15 -11.24 1.40
CA THR B 194 37.59 -11.86 0.21
C THR B 194 38.26 -11.24 -1.03
N PRO B 195 38.91 -12.04 -1.87
CA PRO B 195 39.59 -11.49 -3.06
C PRO B 195 38.68 -10.60 -3.90
N LYS B 196 39.23 -9.48 -4.38
CA LYS B 196 38.49 -8.66 -5.34
C LYS B 196 38.44 -9.37 -6.69
N ARG B 197 37.24 -9.52 -7.24
CA ARG B 197 37.03 -10.24 -8.49
C ARG B 197 36.31 -9.35 -9.51
N SER B 198 36.37 -9.77 -10.76
CA SER B 198 35.78 -8.99 -11.84
C SER B 198 34.26 -9.01 -11.79
N ILE B 199 33.64 -7.95 -12.31
CA ILE B 199 32.19 -7.88 -12.29
C ILE B 199 31.58 -9.06 -13.03
N GLU B 200 32.24 -9.54 -14.08
CA GLU B 200 31.72 -10.69 -14.84
C GLU B 200 31.80 -11.97 -14.02
N THR B 201 32.93 -12.21 -13.36
CA THR B 201 33.04 -13.35 -12.46
C THR B 201 31.97 -13.32 -11.37
N LEU B 202 31.81 -12.17 -10.72
CA LEU B 202 30.84 -12.07 -9.64
C LEU B 202 29.41 -12.33 -10.14
N LEU B 203 29.09 -11.88 -11.34
CA LEU B 203 27.72 -12.03 -11.83
C LEU B 203 27.39 -13.47 -12.21
N LYS B 204 28.40 -14.30 -12.41
CA LYS B 204 28.19 -15.70 -12.75
C LYS B 204 28.30 -16.64 -11.55
N CYS B 205 29.19 -16.36 -10.59
CA CYS B 205 29.26 -17.24 -9.43
C CYS B 205 27.98 -17.16 -8.59
N GLU B 206 27.81 -18.15 -7.70
CA GLU B 206 26.73 -18.08 -6.74
C GLU B 206 26.83 -16.78 -5.95
N PHE B 207 25.67 -16.17 -5.72
CA PHE B 207 25.58 -14.98 -4.90
C PHE B 207 25.61 -15.37 -3.43
N SER B 208 26.44 -14.68 -2.63
CA SER B 208 26.40 -14.89 -1.18
C SER B 208 26.74 -13.58 -0.46
N ASN B 209 26.55 -13.59 0.85
CA ASN B 209 26.73 -12.43 1.72
C ASN B 209 27.73 -12.81 2.81
N ASP B 210 28.92 -12.21 2.74
CA ASP B 210 29.99 -12.45 3.72
C ASP B 210 29.57 -12.19 5.16
N CYS B 211 28.55 -11.37 5.39
CA CYS B 211 28.12 -11.11 6.76
C CYS B 211 27.17 -12.18 7.30
N GLU B 212 26.65 -13.06 6.44
CA GLU B 212 25.59 -13.97 6.86
C GLU B 212 26.10 -14.98 7.88
N VAL B 213 27.27 -15.57 7.65
CA VAL B 213 27.83 -16.55 8.58
C VAL B 213 27.86 -15.97 9.99
N ILE B 214 28.36 -14.73 10.12
CA ILE B 214 28.43 -14.03 11.40
C ILE B 214 27.02 -13.78 11.92
N ALA B 215 26.14 -13.23 11.08
CA ALA B 215 24.81 -12.89 11.55
C ALA B 215 24.06 -14.12 12.07
N ARG B 216 24.18 -15.26 11.39
CA ARG B 216 23.47 -16.46 11.82
C ARG B 216 24.00 -16.97 13.15
N LYS B 217 25.31 -16.87 13.36
CA LYS B 217 25.93 -17.38 14.58
C LYS B 217 25.57 -16.52 15.78
N ARG B 218 25.63 -15.20 15.63
CA ARG B 218 25.48 -14.31 16.77
C ARG B 218 24.03 -14.05 17.14
N PHE B 219 23.08 -14.22 16.20
CA PHE B 219 21.68 -13.94 16.47
C PHE B 219 20.83 -15.15 16.14
N ARG B 220 20.33 -15.82 17.19
CA ARG B 220 19.48 -16.98 17.02
C ARG B 220 18.28 -16.68 16.15
N GLU B 221 17.79 -15.44 16.18
CA GLU B 221 16.57 -15.11 15.46
C GLU B 221 16.82 -15.02 13.97
N VAL B 222 18.02 -14.57 13.56
CA VAL B 222 18.38 -14.62 12.15
C VAL B 222 18.56 -16.05 11.68
N ASP B 223 19.22 -16.88 12.49
CA ASP B 223 19.34 -18.29 12.18
C ASP B 223 17.96 -18.92 11.98
N ALA B 224 17.04 -18.65 12.89
CA ALA B 224 15.71 -19.24 12.82
C ALA B 224 14.98 -18.86 11.53
N VAL B 225 15.00 -17.57 11.16
CA VAL B 225 14.33 -17.10 9.95
C VAL B 225 15.00 -17.67 8.70
N LEU B 226 16.34 -17.62 8.66
CA LEU B 226 17.06 -18.19 7.52
C LEU B 226 16.80 -19.68 7.40
N SER B 227 16.89 -20.39 8.52
CA SER B 227 16.64 -21.83 8.54
C SER B 227 15.28 -22.16 7.94
N TRP B 228 14.26 -21.37 8.30
CA TRP B 228 12.91 -21.61 7.79
C TRP B 228 12.85 -21.41 6.29
N LEU B 229 13.30 -20.26 5.79
CA LEU B 229 13.14 -19.93 4.38
C LEU B 229 13.93 -20.88 3.49
N LEU B 230 15.08 -21.34 3.96
CA LEU B 230 15.93 -22.17 3.12
C LEU B 230 15.23 -23.48 2.74
N GLU B 231 14.23 -23.90 3.51
CA GLU B 231 13.52 -25.11 3.12
C GLU B 231 12.66 -24.89 1.88
N TYR B 232 12.44 -23.63 1.50
CA TYR B 232 11.56 -23.30 0.39
C TYR B 232 12.26 -22.69 -0.82
N ALA B 233 13.37 -21.98 -0.65
CA ALA B 233 13.96 -21.20 -1.72
C ALA B 233 15.37 -20.76 -1.31
N PRO B 234 16.23 -20.45 -2.27
CA PRO B 234 17.51 -19.82 -1.94
C PRO B 234 17.26 -18.54 -1.17
N SER B 235 17.91 -18.42 -0.02
CA SER B 235 17.68 -17.31 0.89
C SER B 235 19.01 -16.86 1.49
N ARG B 236 19.13 -15.56 1.75
CA ARG B 236 20.33 -15.05 2.39
C ARG B 236 20.09 -13.67 2.99
N LEU B 237 21.03 -13.27 3.83
CA LEU B 237 21.01 -11.98 4.48
C LEU B 237 21.17 -10.85 3.44
N THR B 238 20.48 -9.75 3.68
CA THR B 238 20.79 -8.51 2.99
C THR B 238 21.42 -7.53 3.98
N GLY B 239 22.29 -6.68 3.45
CA GLY B 239 23.13 -5.85 4.32
C GLY B 239 23.81 -6.68 5.40
N THR B 240 23.90 -6.09 6.60
CA THR B 240 24.37 -6.80 7.76
C THR B 240 23.23 -7.43 8.56
N GLY B 241 22.02 -7.47 7.97
CA GLY B 241 20.84 -7.98 8.64
C GLY B 241 20.12 -6.93 9.48
N ALA B 242 19.12 -7.40 10.22
CA ALA B 242 18.80 -8.83 10.38
C ALA B 242 17.92 -9.39 9.27
N CYS B 243 17.48 -8.55 8.33
CA CYS B 243 16.57 -9.01 7.29
C CYS B 243 17.21 -10.10 6.44
N VAL B 244 16.35 -10.98 5.95
CA VAL B 244 16.69 -12.10 5.10
C VAL B 244 15.74 -12.08 3.93
N PHE B 245 16.20 -12.46 2.75
CA PHE B 245 15.27 -12.57 1.63
C PHE B 245 15.39 -13.94 0.96
N ALA B 246 14.26 -14.39 0.44
CA ALA B 246 14.21 -15.62 -0.36
C ALA B 246 13.80 -15.26 -1.79
N GLU B 247 14.52 -15.81 -2.77
CA GLU B 247 14.26 -15.51 -4.17
C GLU B 247 13.23 -16.47 -4.76
N PHE B 248 12.38 -15.93 -5.62
CA PHE B 248 11.36 -16.68 -6.34
C PHE B 248 11.27 -16.13 -7.75
N ASP B 249 10.90 -17.01 -8.69
CA ASP B 249 10.74 -16.55 -10.06
C ASP B 249 9.37 -15.91 -10.32
N THR B 250 8.37 -16.21 -9.47
CA THR B 250 7.00 -15.75 -9.66
C THR B 250 6.47 -15.12 -8.38
N GLU B 251 5.53 -14.19 -8.55
CA GLU B 251 4.83 -13.62 -7.41
C GLU B 251 4.06 -14.67 -6.61
N SER B 252 3.38 -15.59 -7.32
CA SER B 252 2.52 -16.55 -6.64
C SER B 252 3.33 -17.48 -5.75
N GLU B 253 4.49 -17.94 -6.24
CA GLU B 253 5.39 -18.77 -5.44
C GLU B 253 5.79 -18.04 -4.16
N ALA B 254 6.24 -16.78 -4.29
CA ALA B 254 6.65 -16.00 -3.13
C ALA B 254 5.50 -15.87 -2.13
N ARG B 255 4.32 -15.49 -2.61
CA ARG B 255 3.18 -15.24 -1.73
C ARG B 255 2.69 -16.53 -1.10
N GLN B 256 2.75 -17.64 -1.83
CA GLN B 256 2.37 -18.93 -1.28
C GLN B 256 3.20 -19.26 -0.05
N VAL B 257 4.50 -18.93 -0.09
CA VAL B 257 5.37 -19.21 1.04
C VAL B 257 5.08 -18.24 2.18
N LEU B 258 4.94 -16.94 1.86
CA LEU B 258 4.59 -15.95 2.87
C LEU B 258 3.34 -16.38 3.62
N GLU B 259 2.33 -16.86 2.89
CA GLU B 259 1.09 -17.31 3.53
C GLU B 259 1.34 -18.46 4.51
N GLN B 260 2.20 -19.41 4.14
CA GLN B 260 2.54 -20.49 5.07
C GLN B 260 3.47 -20.06 6.20
N ALA B 261 3.94 -18.83 6.23
CA ALA B 261 5.03 -18.49 7.14
C ALA B 261 4.51 -18.20 8.55
N PRO B 262 5.24 -18.63 9.58
CA PRO B 262 4.93 -18.16 10.94
C PRO B 262 4.99 -16.64 10.98
N GLU B 263 4.16 -16.05 11.85
CA GLU B 263 4.14 -14.59 11.93
C GLU B 263 5.46 -14.01 12.44
N TRP B 264 6.27 -14.78 13.18
CA TRP B 264 7.57 -14.26 13.61
C TRP B 264 8.55 -14.09 12.45
N LEU B 265 8.20 -14.49 11.24
CA LEU B 265 9.01 -14.15 10.08
C LEU B 265 8.90 -12.65 9.75
N ASN B 266 7.77 -12.04 10.11
CA ASN B 266 7.49 -10.63 9.80
C ASN B 266 7.80 -10.32 8.33
N GLY B 267 7.18 -11.09 7.43
CA GLY B 267 7.51 -11.03 6.02
C GLY B 267 6.69 -10.06 5.17
N PHE B 268 7.27 -9.65 4.05
CA PHE B 268 6.51 -9.06 2.95
C PHE B 268 7.09 -9.55 1.63
N VAL B 269 6.31 -9.43 0.56
CA VAL B 269 6.73 -9.86 -0.76
C VAL B 269 6.78 -8.63 -1.66
N ALA B 270 7.85 -8.52 -2.44
CA ALA B 270 7.98 -7.40 -3.36
C ALA B 270 8.87 -7.83 -4.52
N LYS B 271 8.69 -7.14 -5.64
CA LYS B 271 9.42 -7.43 -6.87
C LYS B 271 10.69 -6.60 -6.97
N GLY B 272 11.75 -7.24 -7.43
CA GLY B 272 12.97 -6.51 -7.70
C GLY B 272 12.73 -5.44 -8.75
N VAL B 273 13.46 -4.34 -8.64
CA VAL B 273 13.34 -3.25 -9.61
C VAL B 273 14.71 -2.65 -9.87
N ASN B 274 15.09 -2.54 -11.13
CA ASN B 274 16.40 -2.04 -11.50
C ASN B 274 16.43 -0.54 -11.66
N LEU B 275 15.28 0.11 -11.85
CA LEU B 275 15.19 1.56 -11.90
C LEU B 275 14.39 2.00 -10.67
N SER B 276 15.03 2.74 -9.77
CA SER B 276 14.34 3.25 -8.60
C SER B 276 13.05 3.98 -8.97
N PRO B 277 11.94 3.72 -8.28
CA PRO B 277 10.75 4.57 -8.45
C PRO B 277 11.03 6.06 -8.24
N LEU B 278 11.92 6.41 -7.30
CA LEU B 278 12.28 7.80 -7.08
C LEU B 278 12.71 8.46 -8.40
N HIS B 279 13.53 7.77 -9.17
CA HIS B 279 14.03 8.36 -10.41
C HIS B 279 12.88 8.59 -11.40
N ARG B 280 11.95 7.64 -11.51
CA ARG B 280 10.82 7.84 -12.41
C ARG B 280 9.99 9.06 -12.00
N ALA B 281 9.92 9.36 -10.71
CA ALA B 281 9.00 10.39 -10.23
C ALA B 281 9.49 11.84 -10.44
#